data_6FZN
#
_entry.id   6FZN
#
_cell.length_a   42.550
_cell.length_b   57.960
_cell.length_c   52.110
_cell.angle_alpha   90.00
_cell.angle_beta   105.04
_cell.angle_gamma   90.00
#
_symmetry.space_group_name_H-M   'P 1 21 1'
#
loop_
_entity.id
_entity.type
_entity.pdbx_description
1 polymer smURFP
2 non-polymer '3-[5-[[(3~{R},4~{R})-3-ethenyl-4-methyl-5-oxidanylidene-3,4-dihydropyrrol-2-yl]methyl]-2-[[5-[(4-ethenyl-3-methyl-5-oxidanylidene-pyrrol-2-yl)methyl]-3-(3-hydroxy-3-oxopropyl)-4-methyl-1~{H}-pyrrol-2-yl]methyl]-4-methyl-1~{H}-pyrrol-3-yl]propanoic acid'
3 water water
#
_entity_poly.entity_id   1
_entity_poly.type   'polypeptide(L)'
_entity_poly.pdbx_seq_one_letter_code
;MKTSEQRVNIATLLTENKKKIVDKASQDLWRRHPDLIAPGGIAFSQRDRALCLRDRGWFLHLITFCLLAGDKGPIESIGL
ISIREMYNSLGVPVPAMMESIRCLKEASLSLLDEEDANETAPYFDYIIKAMSHHHHHH
;
_entity_poly.pdbx_strand_id   A,B
#
# COMPACT_ATOMS: atom_id res chain seq x y z
N LYS A 2 -0.43 -18.81 -8.10
CA LYS A 2 0.20 -17.70 -8.88
C LYS A 2 1.46 -17.16 -8.19
N THR A 3 1.37 -16.88 -6.90
CA THR A 3 2.54 -16.42 -6.12
C THR A 3 3.45 -17.60 -5.77
N SER A 4 4.73 -17.43 -6.07
CA SER A 4 5.72 -18.48 -5.84
C SER A 4 5.89 -18.79 -4.36
N GLU A 5 6.24 -20.04 -4.08
CA GLU A 5 6.48 -20.47 -2.71
C GLU A 5 7.64 -19.68 -2.08
N GLN A 6 8.69 -19.37 -2.86
CA GLN A 6 9.84 -18.57 -2.38
C GLN A 6 9.45 -17.17 -1.92
N ARG A 7 8.60 -16.50 -2.69
CA ARG A 7 8.20 -15.12 -2.43
C ARG A 7 7.21 -15.00 -1.26
N VAL A 8 6.34 -15.99 -1.08
CA VAL A 8 5.47 -16.08 0.09
C VAL A 8 6.33 -16.17 1.35
N ASN A 9 7.33 -17.03 1.32
CA ASN A 9 8.22 -17.20 2.48
C ASN A 9 9.06 -15.98 2.83
N ILE A 10 9.59 -15.28 1.84
CA ILE A 10 10.33 -14.03 2.11
C ILE A 10 9.34 -13.01 2.67
N ALA A 11 8.16 -12.90 2.06
CA ALA A 11 7.13 -11.97 2.50
C ALA A 11 6.70 -12.22 3.94
N THR A 12 6.50 -13.49 4.29
CA THR A 12 6.19 -13.88 5.66
C THR A 12 7.38 -13.61 6.62
N LEU A 13 8.61 -13.81 6.14
CA LEU A 13 9.79 -13.59 6.96
C LEU A 13 10.04 -12.11 7.26
N LEU A 14 9.88 -11.26 6.24
CA LEU A 14 10.00 -9.80 6.43
C LEU A 14 8.90 -9.24 7.29
N THR A 15 7.68 -9.76 7.10
CA THR A 15 6.51 -9.33 7.87
C THR A 15 6.64 -9.74 9.34
N GLU A 16 7.06 -10.98 9.60
CA GLU A 16 7.20 -11.47 10.98
C GLU A 16 8.33 -10.77 11.78
N ASN A 17 9.39 -10.35 11.10
CA ASN A 17 10.50 -9.62 11.72
C ASN A 17 10.52 -8.12 11.38
N LYS A 18 9.36 -7.50 11.19
CA LYS A 18 9.34 -6.09 10.77
C LYS A 18 9.92 -5.18 11.86
N LYS A 19 9.57 -5.46 13.12
CA LYS A 19 10.05 -4.69 14.27
C LYS A 19 11.57 -4.68 14.33
N LYS A 20 12.16 -5.88 14.28
CA LYS A 20 13.61 -6.04 14.33
C LYS A 20 14.28 -5.32 13.17
N ILE A 21 13.76 -5.53 11.96
CA ILE A 21 14.28 -4.87 10.76
C ILE A 21 14.21 -3.36 10.89
N VAL A 22 13.06 -2.85 11.28
CA VAL A 22 12.83 -1.41 11.42
C VAL A 22 13.62 -0.84 12.61
N ASP A 23 13.83 -1.64 13.66
CA ASP A 23 14.71 -1.26 14.75
C ASP A 23 16.14 -1.14 14.23
N LYS A 24 16.61 -2.20 13.57
CA LYS A 24 17.98 -2.26 13.04
C LYS A 24 18.25 -1.19 11.98
N ALA A 25 17.28 -0.93 11.11
CA ALA A 25 17.40 0.13 10.10
C ALA A 25 17.47 1.54 10.72
N SER A 26 16.78 1.75 11.82
CA SER A 26 16.76 3.04 12.50
C SER A 26 18.11 3.36 13.14
N GLN A 27 18.64 2.40 13.90
CA GLN A 27 19.92 2.59 14.58
C GLN A 27 21.12 2.67 13.63
N ASP A 28 21.08 1.90 12.54
CA ASP A 28 22.07 2.04 11.45
C ASP A 28 22.02 3.45 10.84
N LEU A 29 20.81 3.98 10.65
CA LEU A 29 20.65 5.34 10.14
C LEU A 29 21.17 6.39 11.12
N TRP A 30 20.92 6.19 12.41
CA TRP A 30 21.42 7.12 13.43
C TRP A 30 22.94 6.98 13.63
N ARG A 31 23.47 5.76 13.51
CA ARG A 31 24.92 5.51 13.57
C ARG A 31 25.64 6.32 12.50
N ARG A 32 25.21 6.11 11.26
CA ARG A 32 25.81 6.75 10.10
C ARG A 32 25.54 8.26 10.02
N HIS A 33 24.39 8.71 10.52
CA HIS A 33 24.00 10.13 10.49
C HIS A 33 23.37 10.56 11.83
N PRO A 34 24.20 10.74 12.88
CA PRO A 34 23.68 11.10 14.21
C PRO A 34 23.12 12.53 14.34
N ASP A 35 23.52 13.41 13.41
CA ASP A 35 22.91 14.75 13.29
C ASP A 35 21.38 14.77 13.11
N LEU A 36 20.79 13.68 12.62
CA LEU A 36 19.36 13.63 12.32
C LEU A 36 18.46 13.60 13.57
N ILE A 37 18.90 12.90 14.61
CA ILE A 37 18.18 12.84 15.90
C ILE A 37 18.75 13.80 16.96
N ALA A 38 19.72 14.63 16.58
CA ALA A 38 20.25 15.69 17.43
C ALA A 38 19.27 16.88 17.40
N PRO A 39 19.31 17.76 18.43
CA PRO A 39 18.39 18.92 18.57
C PRO A 39 17.90 19.62 17.28
N GLY A 40 18.79 19.84 16.32
CA GLY A 40 18.42 20.49 15.06
C GLY A 40 17.67 19.63 14.05
N GLY A 41 18.09 18.37 13.91
CA GLY A 41 17.73 17.51 12.78
C GLY A 41 16.27 17.14 12.61
N ILE A 42 15.99 16.56 11.44
CA ILE A 42 14.62 16.26 11.01
C ILE A 42 13.92 15.12 11.78
N ALA A 43 14.68 14.36 12.56
CA ALA A 43 14.12 13.32 13.43
C ALA A 43 14.38 13.57 14.94
N PHE A 44 14.50 14.83 15.34
CA PHE A 44 14.69 15.17 16.75
C PHE A 44 13.38 15.08 17.51
N SER A 45 12.39 15.87 17.05
CA SER A 45 11.12 15.99 17.75
C SER A 45 10.34 14.68 17.68
N GLN A 46 9.57 14.38 18.72
CA GLN A 46 8.93 13.07 18.85
C GLN A 46 7.92 12.80 17.73
N ARG A 47 7.23 13.84 17.27
CA ARG A 47 6.31 13.73 16.12
C ARG A 47 7.05 13.31 14.85
N ASP A 48 8.11 14.04 14.52
CA ASP A 48 8.83 13.80 13.28
C ASP A 48 9.57 12.45 13.28
N ARG A 49 10.09 12.05 14.43
CA ARG A 49 10.73 10.74 14.59
C ARG A 49 9.72 9.60 14.50
N ALA A 50 8.51 9.81 15.02
CA ALA A 50 7.42 8.84 14.92
C ALA A 50 6.93 8.64 13.49
N LEU A 51 6.85 9.73 12.74
CA LEU A 51 6.45 9.68 11.34
C LEU A 51 7.49 9.00 10.49
N CYS A 52 8.76 9.22 10.83
CA CYS A 52 9.86 8.50 10.20
C CYS A 52 9.78 7.00 10.48
N LEU A 53 9.50 6.65 11.74
CA LEU A 53 9.29 5.26 12.13
C LEU A 53 8.09 4.64 11.40
N ARG A 54 6.97 5.36 11.39
CA ARG A 54 5.74 4.92 10.74
C ARG A 54 5.97 4.64 9.26
N ASP A 55 6.49 5.64 8.56
CA ASP A 55 6.72 5.53 7.11
C ASP A 55 7.72 4.46 6.72
N ARG A 56 8.77 4.31 7.52
CA ARG A 56 9.78 3.28 7.26
C ARG A 56 9.11 1.91 7.22
N GLY A 57 8.31 1.62 8.23
CA GLY A 57 7.58 0.35 8.31
C GLY A 57 6.65 0.15 7.14
N TRP A 58 5.97 1.21 6.71
CA TRP A 58 5.10 1.14 5.54
C TRP A 58 5.88 0.85 4.25
N PHE A 59 7.11 1.32 4.15
CA PHE A 59 7.96 0.96 3.00
C PHE A 59 8.33 -0.51 3.03
N LEU A 60 8.64 -1.05 4.20
CA LEU A 60 8.93 -2.48 4.31
C LEU A 60 7.73 -3.33 3.88
N HIS A 61 6.50 -2.90 4.17
CA HIS A 61 5.29 -3.60 3.72
C HIS A 61 5.05 -3.49 2.22
N LEU A 62 5.45 -2.37 1.62
CA LEU A 62 5.41 -2.22 0.17
C LEU A 62 6.32 -3.24 -0.53
N ILE A 63 7.48 -3.51 0.07
CA ILE A 63 8.42 -4.54 -0.43
C ILE A 63 7.77 -5.93 -0.34
N THR A 64 7.30 -6.28 0.86
CA THR A 64 6.52 -7.51 1.07
C THR A 64 5.41 -7.68 0.03
N PHE A 65 4.70 -6.59 -0.24
CA PHE A 65 3.58 -6.57 -1.18
C PHE A 65 4.05 -6.86 -2.62
N CYS A 66 5.13 -6.20 -3.04
CA CYS A 66 5.80 -6.52 -4.31
C CYS A 66 6.14 -7.99 -4.43
N LEU A 67 6.73 -8.55 -3.36
CA LEU A 67 7.08 -9.97 -3.38
C LEU A 67 5.87 -10.82 -3.66
N LEU A 68 4.75 -10.51 -2.98
CA LEU A 68 3.51 -11.25 -3.19
C LEU A 68 2.95 -11.05 -4.59
N ALA A 69 3.07 -9.84 -5.13
CA ALA A 69 2.63 -9.55 -6.50
C ALA A 69 3.53 -10.18 -7.57
N GLY A 70 4.81 -10.41 -7.22
CA GLY A 70 5.80 -10.89 -8.19
C GLY A 70 6.15 -9.79 -9.16
N ASP A 71 5.98 -8.56 -8.71
CA ASP A 71 5.78 -7.40 -9.58
C ASP A 71 6.17 -6.16 -8.80
N LYS A 72 6.61 -5.12 -9.50
CA LYS A 72 6.79 -3.80 -8.88
C LYS A 72 5.51 -2.96 -8.93
N GLY A 73 4.42 -3.55 -9.43
CA GLY A 73 3.09 -2.94 -9.41
C GLY A 73 2.67 -2.18 -8.17
N PRO A 74 2.83 -2.79 -6.96
CA PRO A 74 2.50 -2.05 -5.73
C PRO A 74 3.30 -0.76 -5.53
N ILE A 75 4.56 -0.74 -5.97
CA ILE A 75 5.35 0.50 -6.02
C ILE A 75 4.77 1.47 -7.07
N GLU A 76 4.38 0.95 -8.22
CA GLU A 76 3.73 1.76 -9.27
C GLU A 76 2.40 2.36 -8.77
N SER A 77 1.58 1.50 -8.17
CA SER A 77 0.26 1.87 -7.69
C SER A 77 0.33 2.76 -6.45
N ILE A 78 0.93 2.24 -5.38
CA ILE A 78 0.94 2.92 -4.08
C ILE A 78 2.25 3.67 -3.78
N GLY A 79 3.38 3.12 -4.22
CA GLY A 79 4.68 3.70 -3.92
C GLY A 79 4.86 5.11 -4.45
N LEU A 80 4.77 5.26 -5.76
CA LEU A 80 5.02 6.53 -6.48
C LEU A 80 4.13 7.68 -5.99
N ILE A 81 2.85 7.39 -5.81
CA ILE A 81 1.87 8.39 -5.38
C ILE A 81 2.24 8.86 -3.96
N SER A 82 2.53 7.91 -3.07
CA SER A 82 2.95 8.21 -1.69
C SER A 82 4.25 8.99 -1.61
N ILE A 83 5.23 8.60 -2.42
CA ILE A 83 6.51 9.30 -2.51
C ILE A 83 6.27 10.77 -2.85
N ARG A 84 5.58 11.01 -3.97
CA ARG A 84 5.26 12.37 -4.42
C ARG A 84 4.72 13.24 -3.29
N GLU A 85 3.71 12.72 -2.59
CA GLU A 85 3.04 13.44 -1.51
C GLU A 85 3.92 13.72 -0.30
N MET A 86 4.78 12.76 0.02
CA MET A 86 5.69 12.88 1.17
C MET A 86 6.63 14.07 1.00
N TYR A 87 7.28 14.15 -0.16
CA TYR A 87 8.18 15.25 -0.49
C TYR A 87 7.46 16.59 -0.69
N ASN A 88 6.21 16.54 -1.14
CA ASN A 88 5.37 17.75 -1.21
C ASN A 88 5.11 18.35 0.17
N SER A 89 4.99 17.50 1.18
CA SER A 89 4.85 17.96 2.56
C SER A 89 6.10 18.71 3.04
N LEU A 90 7.28 18.18 2.67
CA LEU A 90 8.56 18.90 2.78
C LEU A 90 8.85 19.39 4.21
C PRO A 93 15.15 15.39 4.46
N VAL A 94 15.77 15.52 3.28
CA VAL A 94 15.25 14.85 2.06
C VAL A 94 16.21 13.82 1.41
N PRO A 95 17.54 14.01 1.51
CA PRO A 95 18.41 12.83 1.33
C PRO A 95 18.34 11.77 2.46
N ALA A 96 17.84 12.16 3.63
CA ALA A 96 17.55 11.20 4.71
C ALA A 96 16.50 10.17 4.31
N MET A 97 15.53 10.59 3.49
CA MET A 97 14.51 9.70 2.93
C MET A 97 15.14 8.51 2.23
N MET A 98 16.10 8.80 1.35
CA MET A 98 16.77 7.78 0.54
C MET A 98 17.76 6.95 1.35
N GLU A 99 18.48 7.57 2.29
CA GLU A 99 19.39 6.82 3.14
C GLU A 99 18.66 5.89 4.12
N SER A 100 17.50 6.32 4.63
CA SER A 100 16.68 5.44 5.49
C SER A 100 16.25 4.16 4.75
N ILE A 101 15.92 4.29 3.46
CA ILE A 101 15.58 3.12 2.63
C ILE A 101 16.79 2.21 2.43
N ARG A 102 17.98 2.80 2.25
CA ARG A 102 19.22 2.01 2.11
C ARG A 102 19.55 1.20 3.37
N CYS A 103 19.38 1.82 4.54
CA CYS A 103 19.51 1.08 5.80
C CYS A 103 18.43 0.01 5.95
N LEU A 104 17.21 0.34 5.52
CA LEU A 104 16.12 -0.62 5.51
C LEU A 104 16.42 -1.79 4.58
N LYS A 105 16.97 -1.48 3.40
CA LYS A 105 17.43 -2.50 2.45
C LYS A 105 18.42 -3.46 3.12
N GLU A 106 19.52 -2.93 3.63
CA GLU A 106 20.58 -3.74 4.26
C GLU A 106 20.13 -4.46 5.52
N ALA A 107 19.22 -3.85 6.28
CA ALA A 107 18.63 -4.49 7.45
C ALA A 107 17.78 -5.68 7.06
N SER A 108 17.06 -5.55 5.95
CA SER A 108 16.18 -6.60 5.43
C SER A 108 16.98 -7.72 4.78
N LEU A 109 17.83 -7.34 3.83
CA LEU A 109 18.70 -8.28 3.12
C LEU A 109 19.54 -9.15 4.06
N SER A 110 19.99 -8.58 5.18
CA SER A 110 20.76 -9.33 6.19
C SER A 110 20.07 -10.57 6.76
N LEU A 111 18.74 -10.59 6.73
CA LEU A 111 17.97 -11.76 7.16
C LEU A 111 17.93 -12.90 6.13
N LEU A 112 18.27 -12.60 4.87
CA LEU A 112 17.99 -13.48 3.74
C LEU A 112 19.26 -14.10 3.19
N ASP A 113 19.15 -15.31 2.64
CA ASP A 113 20.25 -15.91 1.87
C ASP A 113 20.44 -15.16 0.54
N GLU A 114 21.44 -15.54 -0.23
CA GLU A 114 21.78 -14.81 -1.48
C GLU A 114 20.73 -14.94 -2.56
N GLU A 115 20.12 -16.12 -2.68
CA GLU A 115 19.02 -16.36 -3.63
C GLU A 115 17.81 -15.45 -3.34
N ASP A 116 17.40 -15.43 -2.08
CA ASP A 116 16.29 -14.59 -1.60
C ASP A 116 16.65 -13.09 -1.62
N ALA A 117 17.90 -12.77 -1.30
CA ALA A 117 18.36 -11.38 -1.32
C ALA A 117 18.31 -10.78 -2.72
N ASN A 118 18.66 -11.60 -3.72
CA ASN A 118 18.64 -11.16 -5.12
C ASN A 118 17.21 -10.95 -5.63
N GLU A 119 16.25 -11.75 -5.15
CA GLU A 119 14.82 -11.55 -5.45
C GLU A 119 14.23 -10.27 -4.84
N THR A 120 14.70 -9.88 -3.65
CA THR A 120 14.13 -8.75 -2.90
C THR A 120 14.81 -7.41 -3.21
N ALA A 121 16.13 -7.42 -3.37
CA ALA A 121 16.91 -6.18 -3.54
C ALA A 121 16.38 -5.17 -4.59
N PRO A 122 15.99 -5.64 -5.81
CA PRO A 122 15.47 -4.72 -6.82
C PRO A 122 14.31 -3.80 -6.38
N TYR A 123 13.44 -4.30 -5.50
CA TYR A 123 12.27 -3.54 -5.06
C TYR A 123 12.68 -2.34 -4.20
N PHE A 124 13.65 -2.55 -3.31
CA PHE A 124 14.27 -1.44 -2.58
C PHE A 124 14.86 -0.42 -3.58
N ASP A 125 15.62 -0.92 -4.55
CA ASP A 125 16.25 -0.05 -5.56
C ASP A 125 15.25 0.73 -6.41
N TYR A 126 14.09 0.12 -6.72
CA TYR A 126 13.02 0.85 -7.42
C TYR A 126 12.52 2.04 -6.58
N ILE A 127 12.45 1.84 -5.27
CA ILE A 127 11.98 2.89 -4.34
C ILE A 127 13.03 3.99 -4.16
N ILE A 128 14.30 3.62 -4.19
CA ILE A 128 15.38 4.60 -4.12
C ILE A 128 15.41 5.43 -5.41
N LYS A 129 15.31 4.77 -6.55
CA LYS A 129 15.17 5.47 -7.85
C LYS A 129 14.00 6.45 -7.86
N ALA A 130 12.81 5.93 -7.56
CA ALA A 130 11.59 6.73 -7.54
C ALA A 130 11.72 7.99 -6.68
N MET A 131 12.44 7.87 -5.57
CA MET A 131 12.71 9.00 -4.67
C MET A 131 13.67 10.02 -5.31
N SER A 132 14.78 9.53 -5.86
CA SER A 132 15.83 10.38 -6.46
C SER A 132 15.29 11.41 -7.47
N HIS A 133 14.21 11.05 -8.18
CA HIS A 133 13.58 11.94 -9.18
C HIS A 133 12.92 13.22 -8.61
N HIS A 134 12.94 13.41 -7.29
CA HIS A 134 12.51 14.67 -6.67
C HIS A 134 13.71 15.51 -6.19
N HIS A 135 14.76 15.59 -7.01
CA HIS A 135 15.97 16.36 -6.69
C HIS A 135 15.85 17.80 -7.19
N HIS A 136 16.27 18.76 -6.36
CA HIS A 136 16.23 20.19 -6.69
C HIS A 136 17.59 20.68 -7.17
CA LYS B 2 -4.48 -14.45 14.49
C LYS B 2 -2.95 -14.49 14.45
N THR B 3 -2.38 -14.39 13.25
CA THR B 3 -0.92 -14.51 13.03
C THR B 3 -0.43 -13.60 11.90
N SER B 4 0.88 -13.41 11.81
CA SER B 4 1.51 -12.76 10.65
C SER B 4 1.38 -13.64 9.40
N GLU B 5 1.31 -14.96 9.60
CA GLU B 5 0.99 -15.89 8.52
C GLU B 5 -0.43 -15.69 7.99
N GLN B 6 -1.39 -15.38 8.88
CA GLN B 6 -2.78 -15.11 8.47
C GLN B 6 -2.90 -13.89 7.56
N ARG B 7 -2.26 -12.79 7.95
CA ARG B 7 -2.23 -11.57 7.13
C ARG B 7 -1.67 -11.87 5.75
N VAL B 8 -0.54 -12.56 5.69
CA VAL B 8 0.09 -12.91 4.41
C VAL B 8 -0.80 -13.84 3.60
N ASN B 9 -1.38 -14.85 4.26
CA ASN B 9 -2.37 -15.76 3.66
C ASN B 9 -3.50 -14.98 2.95
N ILE B 10 -4.08 -14.00 3.64
CA ILE B 10 -5.17 -13.18 3.08
C ILE B 10 -4.65 -12.24 1.98
N ALA B 11 -3.50 -11.61 2.22
CA ALA B 11 -2.93 -10.68 1.25
C ALA B 11 -2.61 -11.39 -0.06
N THR B 12 -1.97 -12.56 0.03
CA THR B 12 -1.66 -13.35 -1.17
C THR B 12 -2.92 -13.78 -1.92
N LEU B 13 -4.02 -14.05 -1.20
CA LEU B 13 -5.31 -14.36 -1.82
C LEU B 13 -5.86 -13.18 -2.60
N LEU B 14 -5.91 -12.01 -1.95
CA LEU B 14 -6.44 -10.82 -2.60
C LEU B 14 -5.55 -10.32 -3.73
N THR B 15 -4.25 -10.61 -3.68
CA THR B 15 -3.34 -10.31 -4.79
C THR B 15 -3.57 -11.27 -5.96
N GLU B 16 -3.51 -12.58 -5.69
CA GLU B 16 -3.66 -13.60 -6.73
C GLU B 16 -4.95 -13.45 -7.53
N ASN B 17 -6.05 -13.16 -6.83
CA ASN B 17 -7.36 -13.02 -7.45
C ASN B 17 -7.75 -11.57 -7.74
N LYS B 18 -6.79 -10.64 -7.79
CA LYS B 18 -7.11 -9.22 -7.90
C LYS B 18 -7.91 -8.84 -9.17
N LYS B 19 -7.74 -9.60 -10.25
CA LYS B 19 -8.51 -9.39 -11.48
C LYS B 19 -9.92 -9.94 -11.36
N LYS B 20 -10.08 -11.15 -10.83
CA LYS B 20 -11.42 -11.72 -10.55
C LYS B 20 -12.27 -10.81 -9.64
N ILE B 21 -11.63 -10.10 -8.71
CA ILE B 21 -12.32 -9.19 -7.79
C ILE B 21 -12.74 -7.89 -8.49
N VAL B 22 -11.81 -7.24 -9.20
CA VAL B 22 -12.11 -5.99 -9.90
C VAL B 22 -13.19 -6.20 -10.98
N ASP B 23 -13.15 -7.36 -11.65
CA ASP B 23 -14.17 -7.72 -12.63
C ASP B 23 -15.53 -7.91 -11.96
N LYS B 24 -15.60 -8.82 -10.99
CA LYS B 24 -16.82 -9.04 -10.20
C LYS B 24 -17.39 -7.73 -9.69
N ALA B 25 -16.56 -6.96 -9.01
CA ALA B 25 -17.00 -5.70 -8.41
C ALA B 25 -17.48 -4.66 -9.43
N SER B 26 -16.91 -4.69 -10.63
CA SER B 26 -17.31 -3.77 -11.72
C SER B 26 -18.67 -4.12 -12.33
N GLN B 27 -18.93 -5.42 -12.48
CA GLN B 27 -20.24 -5.91 -12.94
C GLN B 27 -21.34 -5.63 -11.93
N ASP B 28 -21.07 -5.92 -10.65
CA ASP B 28 -21.99 -5.59 -9.56
C ASP B 28 -22.33 -4.11 -9.53
N LEU B 29 -21.33 -3.26 -9.82
CA LEU B 29 -21.53 -1.81 -9.86
C LEU B 29 -22.41 -1.36 -11.04
N TRP B 30 -22.18 -1.94 -12.21
CA TRP B 30 -22.87 -1.52 -13.43
C TRP B 30 -24.27 -2.13 -13.58
N ARG B 31 -24.48 -3.36 -13.10
CA ARG B 31 -25.82 -3.92 -12.97
C ARG B 31 -26.65 -3.07 -12.00
N ARG B 32 -26.06 -2.73 -10.86
CA ARG B 32 -26.71 -1.95 -9.81
C ARG B 32 -26.90 -0.48 -10.19
N HIS B 33 -25.93 0.11 -10.88
CA HIS B 33 -26.00 1.50 -11.35
C HIS B 33 -25.60 1.58 -12.84
N PRO B 34 -26.53 1.24 -13.75
CA PRO B 34 -26.22 1.27 -15.20
C PRO B 34 -26.09 2.67 -15.82
N ASP B 35 -26.53 3.71 -15.12
CA ASP B 35 -26.32 5.11 -15.57
C ASP B 35 -24.84 5.52 -15.71
N LEU B 36 -23.93 4.79 -15.07
CA LEU B 36 -22.48 5.00 -15.23
C LEU B 36 -22.00 4.48 -16.59
N ILE B 37 -22.39 3.25 -16.93
CA ILE B 37 -22.02 2.64 -18.21
C ILE B 37 -22.87 3.15 -19.40
N ALA B 38 -24.01 3.80 -19.12
CA ALA B 38 -24.90 4.35 -20.16
C ALA B 38 -24.30 5.60 -20.83
N PRO B 39 -24.85 6.03 -21.99
CA PRO B 39 -24.47 7.28 -22.67
C PRO B 39 -24.36 8.51 -21.78
N GLY B 40 -25.32 8.69 -20.88
CA GLY B 40 -25.25 9.74 -19.86
C GLY B 40 -24.26 9.40 -18.77
N ALA B 43 -18.19 6.84 -17.14
CA ALA B 43 -17.66 5.57 -17.61
C ALA B 43 -18.35 5.04 -18.89
N PHE B 44 -18.80 5.95 -19.77
CA PHE B 44 -19.33 5.58 -21.08
C PHE B 44 -18.19 5.44 -22.09
N SER B 45 -17.31 6.44 -22.12
CA SER B 45 -16.10 6.42 -22.93
C SER B 45 -15.15 5.31 -22.45
N GLN B 46 -14.37 4.75 -23.37
CA GLN B 46 -13.39 3.71 -23.03
C GLN B 46 -12.23 4.26 -22.19
N ARG B 47 -11.84 5.51 -22.41
CA ARG B 47 -10.76 6.14 -21.65
C ARG B 47 -11.20 6.46 -20.22
N ASP B 48 -12.43 6.98 -20.05
CA ASP B 48 -12.97 7.28 -18.73
C ASP B 48 -13.36 6.01 -17.94
N ARG B 49 -13.80 4.98 -18.65
CA ARG B 49 -14.06 3.67 -18.03
C ARG B 49 -12.77 2.98 -17.60
N ALA B 50 -11.69 3.20 -18.35
CA ALA B 50 -10.36 2.68 -18.01
C ALA B 50 -9.82 3.29 -16.71
N LEU B 51 -9.94 4.61 -16.59
CA LEU B 51 -9.54 5.34 -15.37
C LEU B 51 -10.33 4.89 -14.14
N CYS B 52 -11.64 4.73 -14.30
CA CYS B 52 -12.50 4.22 -13.23
C CYS B 52 -12.13 2.80 -12.79
N LEU B 53 -11.71 1.96 -13.74
CA LEU B 53 -11.22 0.60 -13.45
C LEU B 53 -9.83 0.63 -12.80
N ARG B 54 -8.94 1.43 -13.37
CA ARG B 54 -7.63 1.75 -12.77
C ARG B 54 -7.77 2.20 -11.32
N ASP B 55 -8.68 3.14 -11.07
CA ASP B 55 -8.92 3.64 -9.71
C ASP B 55 -9.56 2.59 -8.79
N ARG B 56 -10.34 1.67 -9.36
CA ARG B 56 -10.92 0.55 -8.58
C ARG B 56 -9.85 -0.44 -8.12
N GLY B 57 -8.96 -0.82 -9.03
CA GLY B 57 -7.82 -1.68 -8.71
C GLY B 57 -6.89 -1.07 -7.68
N TRP B 58 -6.79 0.26 -7.70
CA TRP B 58 -5.98 1.01 -6.74
C TRP B 58 -6.51 0.89 -5.32
N PHE B 59 -7.82 1.03 -5.15
CA PHE B 59 -8.45 0.86 -3.84
C PHE B 59 -8.26 -0.54 -3.28
N LEU B 60 -8.33 -1.56 -4.16
CA LEU B 60 -8.08 -2.93 -3.74
C LEU B 60 -6.62 -3.10 -3.28
N HIS B 61 -5.67 -2.63 -4.08
CA HIS B 61 -4.27 -2.58 -3.69
C HIS B 61 -4.06 -1.93 -2.32
N LEU B 62 -4.69 -0.77 -2.11
CA LEU B 62 -4.59 -0.04 -0.83
C LEU B 62 -5.14 -0.85 0.35
N ILE B 63 -6.23 -1.57 0.12
CA ILE B 63 -6.82 -2.43 1.15
C ILE B 63 -5.87 -3.57 1.51
N THR B 64 -5.36 -4.27 0.51
CA THR B 64 -4.53 -5.46 0.78
C THR B 64 -3.24 -5.03 1.49
N PHE B 65 -2.71 -3.87 1.10
CA PHE B 65 -1.57 -3.25 1.79
C PHE B 65 -1.84 -3.02 3.27
N CYS B 66 -2.96 -2.36 3.57
CA CYS B 66 -3.39 -2.17 4.95
C CYS B 66 -3.57 -3.50 5.69
N LEU B 67 -4.05 -4.52 4.99
CA LEU B 67 -4.15 -5.87 5.53
C LEU B 67 -2.75 -6.43 5.86
N LEU B 68 -1.80 -6.25 4.94
CA LEU B 68 -0.42 -6.66 5.18
C LEU B 68 0.14 -5.95 6.40
N ALA B 69 -0.04 -4.63 6.45
CA ALA B 69 0.53 -3.82 7.51
C ALA B 69 -0.18 -3.96 8.85
N GLY B 70 -1.36 -4.60 8.86
CA GLY B 70 -2.18 -4.72 10.07
C GLY B 70 -2.59 -3.36 10.59
N ASP B 71 -2.81 -2.41 9.67
CA ASP B 71 -2.80 -0.99 10.00
C ASP B 71 -3.69 -0.24 9.03
N LYS B 72 -4.55 0.62 9.57
CA LYS B 72 -5.50 1.41 8.77
C LYS B 72 -5.00 2.83 8.56
N GLY B 73 -3.84 3.18 9.13
CA GLY B 73 -3.19 4.47 8.91
C GLY B 73 -2.91 4.90 7.47
N PRO B 74 -2.59 3.95 6.57
CA PRO B 74 -2.37 4.34 5.17
C PRO B 74 -3.59 4.95 4.47
N ILE B 75 -4.77 4.52 4.89
CA ILE B 75 -6.04 5.13 4.46
C ILE B 75 -6.12 6.58 4.89
N GLU B 76 -5.78 6.86 6.15
CA GLU B 76 -5.70 8.24 6.66
C GLU B 76 -4.63 9.06 5.94
N SER B 77 -3.51 8.41 5.62
CA SER B 77 -2.41 9.08 4.92
C SER B 77 -2.70 9.18 3.42
N ILE B 78 -2.33 8.16 2.62
CA ILE B 78 -2.41 8.27 1.17
C ILE B 78 -3.83 8.07 0.62
N GLY B 79 -4.69 7.36 1.35
CA GLY B 79 -6.09 7.18 0.93
C GLY B 79 -6.80 8.50 0.73
N LEU B 80 -6.94 9.26 1.82
CA LEU B 80 -7.53 10.59 1.79
C LEU B 80 -7.00 11.46 0.65
N ILE B 81 -5.69 11.46 0.43
CA ILE B 81 -5.09 12.23 -0.67
C ILE B 81 -5.76 11.82 -1.99
N SER B 82 -5.79 10.51 -2.24
CA SER B 82 -6.29 10.00 -3.51
C SER B 82 -7.80 10.20 -3.70
N ILE B 83 -8.60 10.04 -2.63
CA ILE B 83 -10.05 10.25 -2.74
C ILE B 83 -10.38 11.72 -3.03
N ARG B 84 -9.60 12.63 -2.44
CA ARG B 84 -9.71 14.06 -2.72
C ARG B 84 -9.35 14.38 -4.17
N GLU B 85 -8.26 13.79 -4.65
CA GLU B 85 -7.81 13.97 -6.04
C GLU B 85 -8.83 13.44 -7.06
N MET B 86 -9.61 12.43 -6.68
CA MET B 86 -10.65 11.89 -7.57
C MET B 86 -11.78 12.88 -7.85
N TYR B 87 -12.49 13.33 -6.81
CA TYR B 87 -13.65 14.23 -7.02
C TYR B 87 -13.30 15.65 -7.50
N ASN B 88 -12.07 16.09 -7.27
CA ASN B 88 -11.62 17.41 -7.74
C ASN B 88 -11.25 17.35 -9.23
N SER B 89 -10.22 16.58 -9.56
CA SER B 89 -9.69 16.52 -10.92
C SER B 89 -10.58 15.71 -11.86
N LEU B 90 -10.97 14.52 -11.42
CA LEU B 90 -11.73 13.57 -12.25
C LEU B 90 -13.26 13.63 -12.05
N GLY B 91 -13.74 14.47 -11.13
CA GLY B 91 -15.19 14.69 -10.94
C GLY B 91 -16.04 13.47 -10.60
N VAL B 92 -15.44 12.51 -9.89
CA VAL B 92 -16.15 11.27 -9.51
C VAL B 92 -17.03 11.55 -8.28
N PRO B 93 -18.35 11.22 -8.36
CA PRO B 93 -19.23 11.42 -7.18
C PRO B 93 -18.93 10.52 -5.97
N VAL B 94 -19.14 11.07 -4.78
CA VAL B 94 -18.90 10.37 -3.50
C VAL B 94 -19.78 9.12 -3.31
N PRO B 95 -21.06 9.15 -3.73
CA PRO B 95 -21.87 7.93 -3.69
C PRO B 95 -21.34 6.79 -4.60
N ALA B 96 -20.74 7.17 -5.73
CA ALA B 96 -20.19 6.21 -6.69
C ALA B 96 -18.97 5.48 -6.13
N MET B 97 -18.04 6.23 -5.52
CA MET B 97 -16.84 5.65 -4.88
C MET B 97 -17.22 4.75 -3.72
N MET B 98 -18.09 5.26 -2.84
CA MET B 98 -18.58 4.47 -1.70
C MET B 98 -19.22 3.17 -2.14
N GLU B 99 -20.04 3.21 -3.17
CA GLU B 99 -20.69 2.00 -3.68
C GLU B 99 -19.70 1.04 -4.35
N SER B 100 -18.74 1.60 -5.10
CA SER B 100 -17.67 0.82 -5.74
C SER B 100 -16.89 -0.01 -4.73
N ILE B 101 -16.63 0.57 -3.56
CA ILE B 101 -15.89 -0.08 -2.48
C ILE B 101 -16.76 -1.13 -1.77
N ARG B 102 -18.07 -0.88 -1.68
CA ARG B 102 -19.02 -1.91 -1.23
C ARG B 102 -19.03 -3.12 -2.17
N CYS B 103 -18.98 -2.85 -3.47
CA CYS B 103 -18.92 -3.91 -4.48
C CYS B 103 -17.59 -4.68 -4.42
N LEU B 104 -16.47 -3.96 -4.23
CA LEU B 104 -15.15 -4.58 -4.00
C LEU B 104 -15.12 -5.41 -2.73
N LYS B 105 -15.67 -4.86 -1.65
CA LYS B 105 -15.80 -5.57 -0.37
C LYS B 105 -16.48 -6.93 -0.56
N GLU B 106 -17.69 -6.90 -1.12
CA GLU B 106 -18.47 -8.13 -1.34
C GLU B 106 -17.70 -9.21 -2.10
N ALA B 107 -17.09 -8.81 -3.22
CA ALA B 107 -16.39 -9.74 -4.11
C ALA B 107 -15.15 -10.34 -3.45
N SER B 108 -14.39 -9.50 -2.74
CA SER B 108 -13.21 -9.94 -1.98
C SER B 108 -13.58 -10.95 -0.91
N LEU B 109 -14.62 -10.64 -0.13
CA LEU B 109 -15.04 -11.48 1.00
C LEU B 109 -15.59 -12.83 0.57
N SER B 110 -16.14 -12.93 -0.65
CA SER B 110 -16.67 -14.20 -1.17
C SER B 110 -15.64 -15.32 -1.26
N LEU B 111 -14.37 -14.96 -1.45
CA LEU B 111 -13.27 -15.93 -1.51
C LEU B 111 -12.83 -16.43 -0.13
N LEU B 112 -12.98 -15.59 0.88
CA LEU B 112 -12.48 -15.88 2.23
C LEU B 112 -13.44 -16.78 3.00
N ASP B 113 -12.97 -17.28 4.14
CA ASP B 113 -13.83 -17.90 5.16
C ASP B 113 -14.21 -16.86 6.24
N GLU B 114 -15.16 -17.22 7.11
CA GLU B 114 -15.72 -16.30 8.11
C GLU B 114 -14.70 -15.73 9.11
N GLU B 115 -13.63 -16.48 9.37
CA GLU B 115 -12.60 -16.05 10.31
C GLU B 115 -11.74 -14.95 9.67
N ASP B 116 -11.35 -15.17 8.41
CA ASP B 116 -10.59 -14.18 7.63
C ASP B 116 -11.45 -12.96 7.29
N ALA B 117 -12.65 -13.22 6.76
CA ALA B 117 -13.58 -12.17 6.35
C ALA B 117 -13.95 -11.19 7.47
N ASN B 118 -14.07 -11.71 8.70
CA ASN B 118 -14.24 -10.86 9.89
C ASN B 118 -13.02 -10.00 10.14
N GLU B 119 -11.84 -10.62 10.02
CA GLU B 119 -10.55 -9.89 10.11
C GLU B 119 -10.36 -8.88 8.96
N THR B 120 -10.92 -9.20 7.80
CA THR B 120 -10.77 -8.38 6.58
C THR B 120 -11.79 -7.24 6.44
N ALA B 121 -13.05 -7.51 6.79
CA ALA B 121 -14.16 -6.59 6.49
C ALA B 121 -14.03 -5.17 7.03
N PRO B 122 -13.43 -5.00 8.22
CA PRO B 122 -13.28 -3.65 8.77
C PRO B 122 -12.38 -2.70 7.95
N TYR B 123 -11.43 -3.26 7.20
CA TYR B 123 -10.54 -2.45 6.36
C TYR B 123 -11.31 -1.79 5.22
N PHE B 124 -12.24 -2.55 4.62
CA PHE B 124 -13.18 -2.01 3.65
C PHE B 124 -14.09 -0.93 4.25
N ASP B 125 -14.71 -1.27 5.39
CA ASP B 125 -15.62 -0.36 6.10
C ASP B 125 -14.95 0.96 6.46
N TYR B 126 -13.70 0.88 6.93
CA TYR B 126 -12.93 2.07 7.30
C TYR B 126 -12.84 3.09 6.16
N ILE B 127 -12.63 2.63 4.92
CA ILE B 127 -12.56 3.54 3.76
C ILE B 127 -13.93 4.16 3.49
N ILE B 128 -14.98 3.34 3.59
CA ILE B 128 -16.35 3.82 3.41
C ILE B 128 -16.67 4.89 4.46
N LYS B 129 -16.40 4.60 5.73
CA LYS B 129 -16.61 5.58 6.82
C LYS B 129 -15.82 6.86 6.60
N ALA B 130 -14.57 6.74 6.17
CA ALA B 130 -13.70 7.89 5.93
C ALA B 130 -14.15 8.78 4.77
N MET B 131 -14.97 8.24 3.86
CA MET B 131 -15.58 9.01 2.77
C MET B 131 -16.98 9.51 3.13
N SER B 132 -17.79 8.64 3.76
CA SER B 132 -19.20 8.93 4.08
C SER B 132 -19.47 10.31 4.70
N HIS B 133 -18.53 10.80 5.51
CA HIS B 133 -18.67 12.11 6.18
C HIS B 133 -18.89 13.29 5.22
N HIS B 134 -18.40 13.17 3.98
CA HIS B 134 -18.51 14.24 2.99
C HIS B 134 -19.94 14.51 2.48
N HIS B 135 -20.49 13.58 1.71
CA HIS B 135 -21.81 13.79 1.08
C HIS B 135 -22.96 13.53 2.05
#